data_6VIF
#
_entry.id   6VIF
#
_cell.length_a   46.134
_cell.length_b   46.134
_cell.length_c   223.436
_cell.angle_alpha   90.000
_cell.angle_beta   90.000
_cell.angle_gamma   90.000
#
_symmetry.space_group_name_H-M   'P 43 21 2'
#
loop_
_entity.id
_entity.type
_entity.pdbx_description
1 polymer 'Nuclear receptor subfamily 5 group A member 2'
2 polymer 'Nuclear receptor coactivator 2'
3 non-polymer 'N-[(8beta,11alpha,12alpha)-8-{[methyl(phenyl)amino]methyl}-1,6:7,14-dicycloprosta-1(6),2,4,7(14)-tetraen-11-yl]sulfuric diamide'
4 water water
#
loop_
_entity_poly.entity_id
_entity_poly.type
_entity_poly.pdbx_seq_one_letter_code
_entity_poly.pdbx_strand_id
1 'polypeptide(L)'
;SNASIPHLILELLKCEPDEPQVQAKIMAYLQQEQANRSKHEKLSTFGLMCKMADQTLFSIVEWARSSIFFRELKVDDQMK
LLQNCWSELLILDHIYRQVVHGKEGSIFLVTGQQVDYSIIASQAGATLNNLMSHAQELVAKLRSLQFDQREFVCLKFLVL
FSLDVKNLENFQLVEGVQEQVNAALLDYTMCNYPQQTEKFGQLLLRLPEIRAISMQAEEYLYYKHLNGDVPYNNLLIEML
HAKRA
;
A
2 'polypeptide(L)' KENALLRYLLDKDD B
#
loop_
_chem_comp.id
_chem_comp.type
_chem_comp.name
_chem_comp.formula
QY4 non-polymer 'N-[(8beta,11alpha,12alpha)-8-{[methyl(phenyl)amino]methyl}-1,6:7,14-dicycloprosta-1(6),2,4,7(14)-tetraen-11-yl]sulfuric diamide' 'C28 H39 N3 O2 S'
#
# COMPACT_ATOMS: atom_id res chain seq x y z
N ILE A 5 1.15 23.95 7.72
CA ILE A 5 0.76 22.55 7.78
C ILE A 5 0.00 22.28 9.07
N PRO A 6 -1.18 21.65 8.95
CA PRO A 6 -1.91 21.26 10.16
C PRO A 6 -1.09 20.31 11.02
N HIS A 7 -1.18 20.48 12.33
CA HIS A 7 -0.40 19.67 13.25
C HIS A 7 -0.79 18.21 13.22
N LEU A 8 -2.03 17.90 12.81
CA LEU A 8 -2.41 16.49 12.66
C LEU A 8 -1.63 15.82 11.54
N ILE A 9 -1.44 16.51 10.42
CA ILE A 9 -0.65 15.97 9.33
C ILE A 9 0.79 15.79 9.76
N LEU A 10 1.30 16.69 10.62
CA LEU A 10 2.66 16.55 11.13
C LEU A 10 2.79 15.28 11.97
N GLU A 11 1.77 14.96 12.78
CA GLU A 11 1.80 13.74 13.56
C GLU A 11 1.78 12.50 12.69
N LEU A 12 1.09 12.56 11.54
CA LEU A 12 1.05 11.41 10.64
C LEU A 12 2.40 11.18 9.97
N LEU A 13 3.12 12.26 9.65
CA LEU A 13 4.41 12.14 8.98
C LEU A 13 5.47 11.50 9.85
N LYS A 14 5.29 11.53 11.18
CA LYS A 14 6.29 10.95 12.08
C LYS A 14 6.28 9.44 12.11
N CYS A 15 5.11 8.84 11.95
CA CYS A 15 5.01 7.39 11.93
C CYS A 15 5.45 6.79 10.61
N GLU A 16 5.82 7.62 9.64
CA GLU A 16 6.32 7.10 8.37
C GLU A 16 7.62 6.34 8.60
N PRO A 17 7.82 5.19 7.96
CA PRO A 17 9.00 4.38 8.21
C PRO A 17 10.24 4.98 7.54
N ASP A 18 11.38 4.38 7.86
CA ASP A 18 12.66 4.71 7.23
C ASP A 18 12.71 3.98 5.90
N GLU A 19 12.30 4.67 4.83
CA GLU A 19 12.18 4.02 3.53
C GLU A 19 13.50 3.48 3.00
N PRO A 20 14.64 4.20 3.06
CA PRO A 20 15.89 3.58 2.61
C PRO A 20 16.25 2.30 3.34
N GLN A 21 15.90 2.18 4.63
CA GLN A 21 16.20 0.97 5.37
C GLN A 21 15.18 -0.13 5.08
N VAL A 22 13.91 0.25 4.88
CA VAL A 22 12.90 -0.74 4.51
C VAL A 22 13.26 -1.37 3.17
N GLN A 23 13.64 -0.54 2.20
CA GLN A 23 14.04 -1.06 0.89
C GLN A 23 15.33 -1.88 0.98
N ALA A 24 16.25 -1.50 1.87
CA ALA A 24 17.49 -2.24 2.01
C ALA A 24 17.24 -3.64 2.59
N LYS A 25 16.37 -3.73 3.59
CA LYS A 25 16.10 -5.03 4.20
C LYS A 25 15.36 -5.96 3.24
N ILE A 26 14.43 -5.42 2.46
CA ILE A 26 13.70 -6.25 1.51
C ILE A 26 14.62 -6.73 0.39
N MET A 27 15.49 -5.85 -0.10
CA MET A 27 16.43 -6.25 -1.14
C MET A 27 17.39 -7.32 -0.62
N ALA A 28 17.86 -7.17 0.62
CA ALA A 28 18.78 -8.15 1.19
C ALA A 28 18.10 -9.50 1.40
N TYR A 29 16.83 -9.48 1.80
CA TYR A 29 16.10 -10.74 1.99
C TYR A 29 15.94 -11.48 0.68
N LEU A 30 15.63 -10.75 -0.41
CA LEU A 30 15.43 -11.40 -1.70
C LEU A 30 16.74 -11.81 -2.34
N GLN A 31 17.78 -10.97 -2.24
CA GLN A 31 19.09 -11.37 -2.72
C GLN A 31 19.61 -12.59 -1.99
N GLN A 32 19.22 -12.76 -0.73
CA GLN A 32 19.58 -13.97 0.00
C GLN A 32 18.84 -15.19 -0.57
N GLU A 33 17.51 -15.18 -0.46
CA GLU A 33 16.71 -16.36 -0.81
C GLU A 33 16.62 -16.60 -2.31
N GLN A 34 17.29 -15.82 -3.16
CA GLN A 34 17.32 -16.07 -4.59
C GLN A 34 18.65 -16.64 -5.07
N ALA A 35 19.76 -15.96 -4.74
CA ALA A 35 21.08 -16.53 -5.04
C ALA A 35 21.32 -17.82 -4.28
N ASN A 36 20.58 -18.03 -3.19
CA ASN A 36 20.66 -19.24 -2.37
C ASN A 36 20.03 -20.45 -3.07
N ARG A 37 19.01 -20.21 -3.90
CA ARG A 37 18.26 -21.29 -4.53
C ARG A 37 19.10 -21.97 -5.61
N SER A 38 18.73 -23.20 -5.94
CA SER A 38 19.45 -23.99 -6.91
C SER A 38 19.14 -23.53 -8.33
N LYS A 39 19.95 -24.01 -9.29
CA LYS A 39 19.81 -23.58 -10.68
C LYS A 39 18.42 -23.93 -11.22
N HIS A 40 17.94 -25.15 -10.96
CA HIS A 40 16.62 -25.58 -11.36
C HIS A 40 15.54 -25.17 -10.38
N GLU A 41 15.79 -24.15 -9.55
CA GLU A 41 14.88 -23.80 -8.47
C GLU A 41 14.63 -22.30 -8.37
N LYS A 42 15.06 -21.51 -9.36
CA LYS A 42 14.94 -20.06 -9.27
C LYS A 42 13.48 -19.62 -9.31
N LEU A 43 13.21 -18.49 -8.66
CA LEU A 43 11.87 -17.94 -8.65
C LEU A 43 11.54 -17.26 -9.98
N SER A 44 10.27 -17.36 -10.38
CA SER A 44 9.81 -16.64 -11.55
C SER A 44 9.69 -15.15 -11.22
N THR A 45 9.48 -14.35 -12.27
CA THR A 45 9.28 -12.92 -12.06
C THR A 45 8.00 -12.66 -11.28
N PHE A 46 6.94 -13.41 -11.60
CA PHE A 46 5.71 -13.32 -10.81
C PHE A 46 5.94 -13.79 -9.38
N GLY A 47 6.81 -14.78 -9.20
CA GLY A 47 7.12 -15.24 -7.84
C GLY A 47 7.95 -14.25 -7.07
N LEU A 48 8.87 -13.56 -7.75
CA LEU A 48 9.67 -12.53 -7.09
C LEU A 48 8.81 -11.37 -6.63
N MET A 49 7.79 -11.00 -7.42
CA MET A 49 6.92 -9.91 -7.03
C MET A 49 6.04 -10.29 -5.85
N CYS A 50 5.65 -11.57 -5.76
CA CYS A 50 4.84 -12.01 -4.62
C CYS A 50 5.62 -11.94 -3.32
N LYS A 51 6.91 -12.26 -3.36
CA LYS A 51 7.73 -12.18 -2.16
C LYS A 51 8.06 -10.74 -1.80
N MET A 52 8.15 -9.85 -2.79
CA MET A 52 8.37 -8.43 -2.53
C MET A 52 7.20 -7.84 -1.76
N ALA A 53 5.97 -8.05 -2.26
CA ALA A 53 4.80 -7.54 -1.57
C ALA A 53 4.57 -8.22 -0.23
N ASP A 54 4.96 -9.51 -0.12
CA ASP A 54 4.90 -10.19 1.16
C ASP A 54 5.78 -9.49 2.19
N GLN A 55 7.03 -9.19 1.80
CA GLN A 55 7.92 -8.45 2.69
C GLN A 55 7.40 -7.03 2.92
N THR A 56 6.80 -6.42 1.89
CA THR A 56 6.23 -5.09 2.06
C THR A 56 5.08 -5.10 3.06
N LEU A 57 4.30 -6.19 3.10
CA LEU A 57 3.22 -6.29 4.08
C LEU A 57 3.76 -6.31 5.50
N PHE A 58 4.95 -6.88 5.71
CA PHE A 58 5.54 -6.90 7.05
C PHE A 58 5.82 -5.49 7.55
N SER A 59 6.44 -4.65 6.70
CA SER A 59 6.72 -3.29 7.10
C SER A 59 5.46 -2.44 7.15
N ILE A 60 4.45 -2.79 6.35
CA ILE A 60 3.16 -2.11 6.45
C ILE A 60 2.53 -2.37 7.82
N VAL A 61 2.57 -3.62 8.27
CA VAL A 61 2.01 -3.96 9.58
C VAL A 61 2.78 -3.24 10.68
N GLU A 62 4.11 -3.27 10.60
CA GLU A 62 4.92 -2.59 11.61
C GLU A 62 4.72 -1.08 11.58
N TRP A 63 4.45 -0.52 10.40
CA TRP A 63 4.16 0.91 10.31
C TRP A 63 2.89 1.26 11.07
N ALA A 64 1.78 0.58 10.75
CA ALA A 64 0.53 0.83 11.44
C ALA A 64 0.65 0.48 12.92
N ARG A 65 1.41 -0.57 13.25
CA ARG A 65 1.51 -1.04 14.62
C ARG A 65 1.95 0.07 15.57
N SER A 66 2.87 0.92 15.13
CA SER A 66 3.40 2.03 15.91
C SER A 66 2.86 3.39 15.46
N SER A 67 1.88 3.42 14.58
CA SER A 67 1.32 4.68 14.11
C SER A 67 0.37 5.27 15.14
N ILE A 68 0.22 6.60 15.09
CA ILE A 68 -0.70 7.29 15.98
C ILE A 68 -2.12 6.80 15.74
N PHE A 69 -2.95 6.85 16.80
CA PHE A 69 -4.34 6.41 16.81
C PHE A 69 -4.44 4.89 16.69
N PHE A 70 -3.73 4.30 15.72
CA PHE A 70 -3.81 2.85 15.53
C PHE A 70 -3.28 2.09 16.74
N ARG A 71 -2.21 2.60 17.36
CA ARG A 71 -1.63 1.93 18.51
C ARG A 71 -2.49 1.99 19.76
N GLU A 72 -3.68 2.60 19.69
CA GLU A 72 -4.60 2.64 20.82
C GLU A 72 -5.72 1.62 20.72
N LEU A 73 -5.94 1.05 19.54
CA LEU A 73 -6.97 0.03 19.37
C LEU A 73 -6.46 -1.31 19.88
N LYS A 74 -7.39 -2.11 20.41
CA LYS A 74 -7.03 -3.46 20.82
C LYS A 74 -6.70 -4.30 19.59
N VAL A 75 -5.98 -5.40 19.82
CA VAL A 75 -5.43 -6.19 18.71
C VAL A 75 -6.53 -6.68 17.79
N ASP A 76 -7.70 -6.99 18.35
CA ASP A 76 -8.81 -7.45 17.52
C ASP A 76 -9.26 -6.37 16.55
N ASP A 77 -9.34 -5.12 17.03
CA ASP A 77 -9.68 -4.01 16.13
C ASP A 77 -8.57 -3.73 15.13
N GLN A 78 -7.30 -3.92 15.54
CA GLN A 78 -6.19 -3.69 14.63
C GLN A 78 -6.19 -4.70 13.49
N MET A 79 -6.51 -5.96 13.78
CA MET A 79 -6.51 -6.99 12.75
C MET A 79 -7.62 -6.75 11.73
N LYS A 80 -8.79 -6.30 12.19
CA LYS A 80 -9.90 -6.06 11.27
C LYS A 80 -9.60 -4.93 10.30
N LEU A 81 -8.99 -3.85 10.79
CA LEU A 81 -8.63 -2.74 9.92
C LEU A 81 -7.61 -3.15 8.88
N LEU A 82 -6.57 -3.88 9.30
CA LEU A 82 -5.50 -4.27 8.39
C LEU A 82 -6.00 -5.29 7.36
N GLN A 83 -6.86 -6.22 7.78
CA GLN A 83 -7.37 -7.23 6.86
C GLN A 83 -8.29 -6.65 5.80
N ASN A 84 -8.77 -5.43 6.00
CA ASN A 84 -9.64 -4.78 5.03
C ASN A 84 -8.90 -3.87 4.08
N CYS A 85 -7.72 -3.37 4.46
CA CYS A 85 -7.01 -2.36 3.69
C CYS A 85 -5.61 -2.78 3.27
N TRP A 86 -5.25 -4.05 3.45
CA TRP A 86 -3.85 -4.45 3.21
C TRP A 86 -3.49 -4.35 1.73
N SER A 87 -4.39 -4.75 0.83
CA SER A 87 -4.08 -4.66 -0.59
C SER A 87 -4.16 -3.23 -1.09
N GLU A 88 -4.99 -2.39 -0.47
CA GLU A 88 -5.07 -0.99 -0.88
C GLU A 88 -3.80 -0.23 -0.50
N LEU A 89 -3.22 -0.56 0.66
CA LEU A 89 -1.96 0.06 1.07
C LEU A 89 -0.83 -0.38 0.14
N LEU A 90 -0.86 -1.62 -0.32
CA LEU A 90 0.16 -2.08 -1.26
C LEU A 90 0.05 -1.33 -2.58
N ILE A 91 -1.16 -1.12 -3.08
CA ILE A 91 -1.35 -0.39 -4.32
C ILE A 91 -1.04 1.09 -4.12
N LEU A 92 -1.45 1.65 -2.99
CA LEU A 92 -1.18 3.06 -2.72
C LEU A 92 0.32 3.32 -2.60
N ASP A 93 1.05 2.40 -1.94
CA ASP A 93 2.49 2.56 -1.84
C ASP A 93 3.16 2.41 -3.20
N HIS A 94 2.70 1.45 -4.01
CA HIS A 94 3.27 1.28 -5.34
C HIS A 94 2.99 2.50 -6.21
N ILE A 95 1.78 3.05 -6.13
CA ILE A 95 1.42 4.20 -6.95
C ILE A 95 2.27 5.41 -6.57
N TYR A 96 2.41 5.65 -5.26
CA TYR A 96 3.19 6.80 -4.81
C TYR A 96 4.66 6.66 -5.14
N ARG A 97 5.18 5.43 -5.15
CA ARG A 97 6.58 5.23 -5.53
C ARG A 97 6.83 5.61 -6.98
N GLN A 98 5.85 5.38 -7.86
CA GLN A 98 5.98 5.80 -9.25
C GLN A 98 5.77 7.30 -9.42
N VAL A 99 5.09 7.95 -8.49
CA VAL A 99 4.92 9.41 -8.57
C VAL A 99 6.22 10.11 -8.22
N VAL A 100 6.95 9.59 -7.23
CA VAL A 100 8.18 10.21 -6.77
C VAL A 100 9.35 9.84 -7.68
N HIS A 101 9.73 8.57 -7.66
CA HIS A 101 10.92 8.09 -8.35
C HIS A 101 10.64 7.62 -9.78
N GLY A 102 9.39 7.64 -10.22
CA GLY A 102 9.04 6.96 -11.46
C GLY A 102 9.51 7.72 -12.70
N LYS A 103 9.94 6.96 -13.70
CA LYS A 103 10.24 7.48 -15.03
C LYS A 103 9.32 6.80 -16.03
N GLU A 104 9.12 7.46 -17.17
CA GLU A 104 8.22 6.93 -18.19
C GLU A 104 8.77 5.63 -18.77
N GLY A 105 7.90 4.64 -18.90
CA GLY A 105 8.30 3.34 -19.40
C GLY A 105 9.08 2.52 -18.41
N SER A 106 9.02 2.84 -17.12
CA SER A 106 9.77 2.13 -16.10
C SER A 106 8.88 1.92 -14.88
N ILE A 107 9.11 0.81 -14.19
CA ILE A 107 8.44 0.48 -12.94
C ILE A 107 9.50 0.37 -11.85
N PHE A 108 9.29 1.07 -10.75
CA PHE A 108 10.23 1.06 -9.63
C PHE A 108 9.68 0.17 -8.53
N LEU A 109 10.44 -0.87 -8.19
CA LEU A 109 10.02 -1.85 -7.20
C LEU A 109 10.36 -1.38 -5.79
N VAL A 110 9.79 -2.08 -4.80
CA VAL A 110 10.00 -1.73 -3.40
C VAL A 110 11.45 -1.92 -2.95
N THR A 111 12.26 -2.59 -3.75
CA THR A 111 13.67 -2.77 -3.44
C THR A 111 14.55 -1.66 -4.02
N GLY A 112 13.95 -0.66 -4.65
CA GLY A 112 14.73 0.38 -5.30
C GLY A 112 15.26 0.01 -6.67
N GLN A 113 14.84 -1.13 -7.22
CA GLN A 113 15.27 -1.56 -8.54
C GLN A 113 14.31 -1.05 -9.60
N GLN A 114 14.86 -0.56 -10.70
CA GLN A 114 14.07 -0.01 -11.81
C GLN A 114 13.94 -1.06 -12.90
N VAL A 115 12.71 -1.39 -13.26
CA VAL A 115 12.41 -2.36 -14.31
C VAL A 115 11.66 -1.65 -15.42
N ASP A 116 12.02 -1.95 -16.67
CA ASP A 116 11.30 -1.39 -17.80
C ASP A 116 9.94 -2.05 -17.94
N TYR A 117 8.95 -1.26 -18.33
CA TYR A 117 7.56 -1.71 -18.29
C TYR A 117 7.31 -2.87 -19.24
N SER A 118 7.82 -2.78 -20.46
CA SER A 118 7.51 -3.78 -21.49
C SER A 118 8.06 -5.15 -21.15
N ILE A 119 9.06 -5.23 -20.27
CA ILE A 119 9.57 -6.53 -19.83
C ILE A 119 8.63 -7.17 -18.82
N ILE A 120 8.21 -6.40 -17.82
CA ILE A 120 7.22 -6.90 -16.85
C ILE A 120 5.89 -7.18 -17.55
N ALA A 121 5.54 -6.35 -18.53
CA ALA A 121 4.25 -6.50 -19.21
C ALA A 121 4.15 -7.82 -19.97
N SER A 122 5.28 -8.34 -20.46
CA SER A 122 5.25 -9.59 -21.20
C SER A 122 4.92 -10.79 -20.32
N GLN A 123 5.15 -10.69 -19.02
CA GLN A 123 4.93 -11.79 -18.10
C GLN A 123 3.75 -11.57 -17.15
N ALA A 124 3.20 -10.36 -17.09
CA ALA A 124 2.13 -10.07 -16.14
C ALA A 124 0.83 -10.73 -16.57
N GLY A 125 0.55 -10.78 -17.86
CA GLY A 125 -0.69 -11.37 -18.36
C GLY A 125 -1.73 -10.32 -18.68
N ALA A 126 -2.88 -10.80 -19.14
CA ALA A 126 -3.95 -9.91 -19.59
C ALA A 126 -4.52 -9.12 -18.43
N THR A 127 -4.85 -9.79 -17.33
CA THR A 127 -5.52 -9.10 -16.22
C THR A 127 -4.57 -8.15 -15.51
N LEU A 128 -3.33 -8.58 -15.25
CA LEU A 128 -2.39 -7.75 -14.51
C LEU A 128 -2.01 -6.50 -15.31
N ASN A 129 -1.84 -6.64 -16.63
CA ASN A 129 -1.49 -5.48 -17.44
C ASN A 129 -2.58 -4.44 -17.40
N ASN A 130 -3.85 -4.85 -17.45
CA ASN A 130 -4.94 -3.90 -17.33
C ASN A 130 -4.99 -3.30 -15.93
N LEU A 131 -4.67 -4.10 -14.90
CA LEU A 131 -4.60 -3.57 -13.55
C LEU A 131 -3.37 -2.68 -13.36
N MET A 132 -2.27 -3.00 -14.04
CA MET A 132 -1.07 -2.19 -13.92
C MET A 132 -1.21 -0.88 -14.69
N SER A 133 -1.79 -0.93 -15.89
CA SER A 133 -1.98 0.28 -16.68
C SER A 133 -3.01 1.21 -16.04
N HIS A 134 -4.05 0.64 -15.44
CA HIS A 134 -5.01 1.46 -14.70
C HIS A 134 -4.34 2.16 -13.53
N ALA A 135 -3.45 1.44 -12.82
CA ALA A 135 -2.71 2.07 -11.74
C ALA A 135 -1.72 3.10 -12.28
N GLN A 136 -1.11 2.82 -13.43
CA GLN A 136 -0.19 3.78 -14.04
C GLN A 136 -0.93 5.02 -14.51
N GLU A 137 -2.20 4.89 -14.93
CA GLU A 137 -2.98 6.06 -15.28
C GLU A 137 -3.28 6.91 -14.06
N LEU A 138 -3.48 6.29 -12.90
CA LEU A 138 -3.64 7.04 -11.67
C LEU A 138 -2.35 7.76 -11.30
N VAL A 139 -1.20 7.13 -11.59
CA VAL A 139 0.09 7.78 -11.35
C VAL A 139 0.22 9.03 -12.20
N ALA A 140 -0.30 8.98 -13.44
CA ALA A 140 -0.19 10.13 -14.33
C ALA A 140 -1.01 11.31 -13.83
N LYS A 141 -2.23 11.07 -13.33
CA LYS A 141 -3.03 12.18 -12.83
C LYS A 141 -2.46 12.71 -11.52
N LEU A 142 -2.06 11.83 -10.61
CA LEU A 142 -1.46 12.29 -9.36
C LEU A 142 -0.22 13.13 -9.63
N ARG A 143 0.55 12.77 -10.67
CA ARG A 143 1.69 13.58 -11.06
C ARG A 143 1.24 14.95 -11.56
N SER A 144 0.17 15.00 -12.36
CA SER A 144 -0.30 16.28 -12.88
C SER A 144 -0.91 17.14 -11.79
N LEU A 145 -1.33 16.55 -10.67
CA LEU A 145 -1.89 17.30 -9.56
C LEU A 145 -0.84 17.71 -8.54
N GLN A 146 0.43 17.33 -8.73
CA GLN A 146 1.50 17.58 -7.76
C GLN A 146 1.19 16.90 -6.43
N PHE A 147 0.94 15.59 -6.50
CA PHE A 147 0.67 14.78 -5.32
C PHE A 147 1.94 14.67 -4.47
N ASP A 148 1.91 15.27 -3.29
CA ASP A 148 3.08 15.32 -2.42
C ASP A 148 2.93 14.32 -1.27
N GLN A 149 3.88 14.36 -0.33
CA GLN A 149 3.93 13.38 0.75
C GLN A 149 2.90 13.67 1.84
N ARG A 150 2.62 14.95 2.11
CA ARG A 150 1.66 15.29 3.15
C ARG A 150 0.27 14.74 2.81
N GLU A 151 -0.12 14.83 1.54
CA GLU A 151 -1.38 14.23 1.11
C GLU A 151 -1.28 12.71 0.97
N PHE A 152 -0.06 12.17 0.85
CA PHE A 152 0.10 10.73 0.75
C PHE A 152 -0.18 10.05 2.08
N VAL A 153 0.29 10.64 3.18
CA VAL A 153 0.10 10.00 4.48
C VAL A 153 -1.35 10.12 4.94
N CYS A 154 -2.04 11.20 4.56
CA CYS A 154 -3.46 11.31 4.91
C CYS A 154 -4.29 10.30 4.13
N LEU A 155 -3.97 10.09 2.85
CA LEU A 155 -4.64 9.05 2.09
C LEU A 155 -4.35 7.67 2.67
N LYS A 156 -3.16 7.47 3.24
CA LYS A 156 -2.85 6.21 3.91
C LYS A 156 -3.74 6.01 5.12
N PHE A 157 -3.91 7.06 5.95
CA PHE A 157 -4.75 6.93 7.13
C PHE A 157 -6.23 6.88 6.76
N LEU A 158 -6.62 7.54 5.66
CA LEU A 158 -8.00 7.41 5.18
C LEU A 158 -8.29 5.99 4.71
N VAL A 159 -7.29 5.32 4.13
CA VAL A 159 -7.46 3.93 3.72
C VAL A 159 -7.39 3.01 4.92
N LEU A 160 -6.44 3.26 5.83
CA LEU A 160 -6.29 2.41 7.00
C LEU A 160 -7.51 2.48 7.91
N PHE A 161 -7.89 3.70 8.30
CA PHE A 161 -9.07 3.91 9.13
C PHE A 161 -10.33 3.98 8.25
N SER A 162 -10.51 2.93 7.47
CA SER A 162 -11.63 2.86 6.55
C SER A 162 -12.95 2.75 7.30
N LEU A 163 -13.99 3.38 6.76
CA LEU A 163 -15.34 3.20 7.27
C LEU A 163 -15.95 1.88 6.84
N ASP A 164 -15.22 1.07 6.07
CA ASP A 164 -15.71 -0.17 5.49
C ASP A 164 -15.36 -1.38 6.33
N VAL A 165 -15.02 -1.19 7.61
CA VAL A 165 -14.68 -2.28 8.50
C VAL A 165 -15.69 -2.31 9.64
N LYS A 166 -16.11 -3.50 10.04
CA LYS A 166 -17.03 -3.56 11.16
C LYS A 166 -16.65 -4.67 12.13
N ASN A 167 -17.52 -4.93 13.11
CA ASN A 167 -17.20 -5.65 14.35
C ASN A 167 -16.09 -4.94 15.13
N LEU A 168 -15.94 -3.64 14.88
CA LEU A 168 -15.02 -2.81 15.64
C LEU A 168 -15.62 -2.46 16.99
N GLU A 169 -14.85 -2.67 18.07
CA GLU A 169 -15.30 -2.26 19.38
C GLU A 169 -15.14 -0.77 19.61
N ASN A 170 -14.33 -0.10 18.80
CA ASN A 170 -14.09 1.34 18.91
C ASN A 170 -14.26 1.99 17.53
N PHE A 171 -15.47 1.88 16.98
CA PHE A 171 -15.77 2.56 15.72
C PHE A 171 -15.80 4.08 15.89
N GLN A 172 -15.90 4.57 17.13
CA GLN A 172 -15.89 6.01 17.36
C GLN A 172 -14.56 6.63 16.96
N LEU A 173 -13.45 5.93 17.22
CA LEU A 173 -12.15 6.46 16.85
C LEU A 173 -11.90 6.31 15.36
N VAL A 174 -12.27 5.17 14.79
CA VAL A 174 -12.12 4.98 13.34
C VAL A 174 -12.92 6.02 12.58
N GLU A 175 -14.16 6.26 13.02
CA GLU A 175 -14.96 7.32 12.41
C GLU A 175 -14.39 8.70 12.74
N GLY A 176 -13.86 8.86 13.95
CA GLY A 176 -13.30 10.15 14.34
C GLY A 176 -12.05 10.50 13.56
N VAL A 177 -11.17 9.53 13.34
CA VAL A 177 -9.95 9.79 12.56
C VAL A 177 -10.30 10.06 11.10
N GLN A 178 -11.31 9.35 10.57
CA GLN A 178 -11.70 9.53 9.18
C GLN A 178 -12.14 10.97 8.91
N GLU A 179 -13.06 11.48 9.74
CA GLU A 179 -13.51 12.86 9.56
C GLU A 179 -12.40 13.86 9.84
N GLN A 180 -11.54 13.54 10.82
CA GLN A 180 -10.50 14.49 11.21
C GLN A 180 -9.39 14.57 10.16
N VAL A 181 -8.96 13.43 9.64
CA VAL A 181 -7.95 13.43 8.58
C VAL A 181 -8.52 14.08 7.32
N ASN A 182 -9.79 13.83 7.02
CA ASN A 182 -10.41 14.44 5.85
C ASN A 182 -10.45 15.96 5.95
N ALA A 183 -10.70 16.48 7.15
CA ALA A 183 -10.72 17.93 7.33
C ALA A 183 -9.32 18.53 7.23
N ALA A 184 -8.31 17.80 7.69
CA ALA A 184 -6.94 18.29 7.60
C ALA A 184 -6.44 18.30 6.16
N LEU A 185 -6.79 17.28 5.38
CA LEU A 185 -6.40 17.25 3.98
C LEU A 185 -7.09 18.34 3.18
N LEU A 186 -8.38 18.57 3.44
CA LEU A 186 -9.10 19.65 2.78
C LEU A 186 -8.47 21.00 3.10
N ASP A 187 -8.01 21.17 4.34
CA ASP A 187 -7.34 22.41 4.71
C ASP A 187 -5.95 22.51 4.10
N TYR A 188 -5.26 21.38 3.94
CA TYR A 188 -3.91 21.40 3.39
C TYR A 188 -3.94 21.72 1.90
N THR A 189 -4.77 21.02 1.13
CA THR A 189 -4.86 21.27 -0.29
C THR A 189 -5.41 22.66 -0.60
N MET A 190 -6.16 23.26 0.32
CA MET A 190 -6.68 24.60 0.11
C MET A 190 -5.62 25.65 0.40
N CYS A 191 -4.93 25.52 1.52
CA CYS A 191 -3.92 26.52 1.90
C CYS A 191 -2.68 26.40 1.03
N ASN A 192 -2.13 25.19 0.91
CA ASN A 192 -0.88 24.99 0.19
C ASN A 192 -1.06 24.90 -1.31
N TYR A 193 -2.28 24.65 -1.79
CA TYR A 193 -2.56 24.59 -3.21
C TYR A 193 -3.85 25.33 -3.53
N PRO A 194 -3.83 26.67 -3.48
CA PRO A 194 -4.83 27.42 -4.27
C PRO A 194 -4.59 27.05 -5.72
N GLN A 195 -5.37 27.60 -6.66
CA GLN A 195 -5.22 27.37 -8.10
C GLN A 195 -5.94 26.10 -8.49
N GLN A 196 -5.85 25.11 -7.62
CA GLN A 196 -6.34 23.76 -7.87
C GLN A 196 -7.56 23.57 -6.97
N THR A 197 -8.69 24.08 -7.43
CA THR A 197 -9.95 23.80 -6.75
C THR A 197 -10.39 22.36 -6.99
N GLU A 198 -9.80 21.69 -7.97
CA GLU A 198 -10.17 20.32 -8.30
C GLU A 198 -9.31 19.28 -7.58
N LYS A 199 -8.27 19.70 -6.86
CA LYS A 199 -7.32 18.73 -6.32
C LYS A 199 -7.94 17.89 -5.20
N PHE A 200 -8.62 18.53 -4.25
CA PHE A 200 -9.16 17.80 -3.11
C PHE A 200 -10.16 16.74 -3.56
N GLY A 201 -11.08 17.11 -4.45
CA GLY A 201 -12.01 16.13 -4.99
C GLY A 201 -11.32 15.05 -5.80
N GLN A 202 -10.37 15.45 -6.64
CA GLN A 202 -9.63 14.47 -7.44
C GLN A 202 -8.84 13.51 -6.56
N LEU A 203 -8.36 13.97 -5.41
CA LEU A 203 -7.58 13.10 -4.53
C LEU A 203 -8.44 12.00 -3.93
N LEU A 204 -9.62 12.38 -3.40
CA LEU A 204 -10.48 11.39 -2.75
C LEU A 204 -11.06 10.40 -3.76
N LEU A 205 -11.30 10.83 -5.00
CA LEU A 205 -11.92 9.96 -5.99
C LEU A 205 -10.98 8.88 -6.50
N ARG A 206 -9.68 8.99 -6.25
CA ARG A 206 -8.79 7.88 -6.55
C ARG A 206 -8.91 6.76 -5.53
N LEU A 207 -9.45 7.04 -4.34
CA LEU A 207 -9.62 6.01 -3.33
C LEU A 207 -10.58 4.92 -3.78
N PRO A 208 -11.77 5.21 -4.32
CA PRO A 208 -12.60 4.12 -4.87
C PRO A 208 -11.93 3.40 -6.02
N GLU A 209 -11.08 4.08 -6.79
CA GLU A 209 -10.37 3.44 -7.87
C GLU A 209 -9.22 2.58 -7.35
N ILE A 210 -8.47 3.08 -6.36
CA ILE A 210 -7.46 2.26 -5.70
C ILE A 210 -8.11 1.08 -4.99
N ARG A 211 -9.24 1.33 -4.32
CA ARG A 211 -9.98 0.25 -3.69
C ARG A 211 -10.43 -0.79 -4.71
N ALA A 212 -10.88 -0.33 -5.89
CA ALA A 212 -11.32 -1.27 -6.92
C ALA A 212 -10.15 -2.03 -7.53
N ILE A 213 -9.05 -1.33 -7.81
CA ILE A 213 -7.88 -2.00 -8.39
C ILE A 213 -7.30 -3.02 -7.41
N SER A 214 -7.22 -2.64 -6.13
CA SER A 214 -6.67 -3.56 -5.13
C SER A 214 -7.59 -4.75 -4.91
N MET A 215 -8.90 -4.52 -4.83
CA MET A 215 -9.83 -5.63 -4.64
C MET A 215 -9.87 -6.54 -5.85
N GLN A 216 -9.65 -6.00 -7.05
CA GLN A 216 -9.53 -6.85 -8.23
C GLN A 216 -8.17 -7.55 -8.27
N ALA A 217 -7.15 -6.97 -7.62
CA ALA A 217 -5.86 -7.64 -7.53
C ALA A 217 -5.93 -8.80 -6.55
N GLU A 218 -6.71 -8.66 -5.48
CA GLU A 218 -6.90 -9.77 -4.54
C GLU A 218 -7.59 -10.94 -5.22
N GLU A 219 -8.66 -10.67 -5.97
CA GLU A 219 -9.43 -11.74 -6.59
C GLU A 219 -8.62 -12.48 -7.65
N TYR A 220 -7.65 -11.80 -8.27
CA TYR A 220 -6.80 -12.49 -9.24
C TYR A 220 -5.69 -13.27 -8.53
N LEU A 221 -5.11 -12.70 -7.47
CA LEU A 221 -4.08 -13.43 -6.72
C LEU A 221 -4.67 -14.65 -6.04
N TYR A 222 -5.89 -14.54 -5.51
CA TYR A 222 -6.59 -15.72 -4.99
C TYR A 222 -6.84 -16.72 -6.11
N TYR A 223 -7.17 -16.23 -7.31
CA TYR A 223 -7.31 -17.12 -8.46
C TYR A 223 -5.99 -17.82 -8.77
N LYS A 224 -4.88 -17.09 -8.65
CA LYS A 224 -3.58 -17.71 -8.90
C LYS A 224 -3.20 -18.70 -7.81
N HIS A 225 -3.59 -18.43 -6.56
CA HIS A 225 -3.24 -19.32 -5.46
C HIS A 225 -3.97 -20.65 -5.58
N LEU A 226 -5.25 -20.63 -5.96
CA LEU A 226 -6.00 -21.87 -6.13
C LEU A 226 -5.48 -22.70 -7.30
N ASN A 227 -4.81 -22.07 -8.27
CA ASN A 227 -4.20 -22.78 -9.39
C ASN A 227 -2.79 -23.27 -9.06
N GLY A 228 -2.29 -23.00 -7.86
CA GLY A 228 -0.97 -23.45 -7.46
C GLY A 228 0.16 -22.59 -7.97
N ASP A 229 -0.04 -21.27 -8.02
CA ASP A 229 0.96 -20.35 -8.57
C ASP A 229 1.59 -19.47 -7.51
N VAL A 230 1.15 -19.53 -6.26
CA VAL A 230 1.73 -18.74 -5.19
C VAL A 230 2.26 -19.65 -4.09
N ASN A 234 3.99 -16.00 2.67
CA ASN A 234 2.85 -16.72 3.24
C ASN A 234 2.00 -15.80 4.12
N LEU A 235 2.55 -14.65 4.49
CA LEU A 235 1.72 -13.60 5.08
C LEU A 235 0.77 -13.04 4.04
N LEU A 236 1.25 -12.88 2.80
CA LEU A 236 0.39 -12.44 1.71
C LEU A 236 -0.76 -13.41 1.47
N ILE A 237 -0.53 -14.70 1.69
CA ILE A 237 -1.56 -15.69 1.45
C ILE A 237 -2.55 -15.73 2.61
N GLU A 238 -2.07 -15.57 3.84
CA GLU A 238 -2.98 -15.59 4.98
C GLU A 238 -3.83 -14.33 5.05
N MET A 239 -3.30 -13.20 4.55
CA MET A 239 -4.12 -11.99 4.45
C MET A 239 -5.18 -12.14 3.36
N LEU A 240 -4.90 -12.92 2.33
CA LEU A 240 -5.84 -13.08 1.23
C LEU A 240 -7.03 -13.95 1.59
N HIS A 241 -6.92 -14.77 2.64
CA HIS A 241 -8.01 -15.62 3.05
C HIS A 241 -9.03 -14.85 3.88
N ALA A 242 -10.17 -15.48 4.12
CA ALA A 242 -11.29 -14.88 4.84
C ALA A 242 -11.73 -13.57 4.20
N ASN B 3 -6.40 -15.32 11.88
CA ASN B 3 -5.08 -15.07 11.32
C ASN B 3 -4.04 -15.01 12.44
N ALA B 4 -3.39 -16.15 12.71
CA ALA B 4 -2.41 -16.21 13.78
C ALA B 4 -1.15 -15.42 13.46
N LEU B 5 -0.78 -15.33 12.18
CA LEU B 5 0.42 -14.61 11.80
C LEU B 5 0.24 -13.10 11.97
N LEU B 6 -0.93 -12.59 11.61
CA LEU B 6 -1.17 -11.16 11.76
C LEU B 6 -1.25 -10.76 13.23
N ARG B 7 -1.90 -11.58 14.05
CA ARG B 7 -1.95 -11.31 15.48
C ARG B 7 -0.57 -11.38 16.11
N TYR B 8 0.28 -12.29 15.62
CA TYR B 8 1.65 -12.39 16.13
C TYR B 8 2.46 -11.14 15.78
N LEU B 9 2.28 -10.61 14.58
CA LEU B 9 3.00 -9.40 14.18
C LEU B 9 2.55 -8.18 14.98
N LEU B 10 1.34 -8.21 15.55
CA LEU B 10 0.84 -7.12 16.38
C LEU B 10 1.06 -7.34 17.87
N ASP B 11 1.47 -8.55 18.27
CA ASP B 11 1.66 -8.87 19.68
C ASP B 11 3.11 -9.13 20.06
N LYS B 12 3.99 -9.37 19.09
CA LYS B 12 5.37 -9.72 19.39
C LYS B 12 6.16 -8.49 19.82
N ASP B 13 7.30 -8.75 20.46
CA ASP B 13 8.18 -7.69 20.92
C ASP B 13 9.37 -7.53 19.99
C10 QY4 C . 1.93 -5.49 -7.00
C13 QY4 C . 3.35 -5.05 -8.96
C15 QY4 C . 4.23 -6.24 -11.04
C17 QY4 C . 3.79 -8.74 -11.34
C20 QY4 C . 1.94 -4.85 -8.34
C21 QY4 C . 0.76 -4.17 -9.02
C22 QY4 C . -0.14 -4.91 -9.77
C24 QY4 C . -1.39 -2.91 -10.25
C26 QY4 C . 0.59 -2.80 -8.89
C01 QY4 C . 1.80 -8.55 -5.46
C03 QY4 C . -0.41 -7.44 -5.09
C04 QY4 C . -1.19 -6.30 -5.11
C05 QY4 C . -2.36 -6.23 -4.36
C06 QY4 C . -2.74 -7.29 -3.57
C07 QY4 C . -1.96 -8.44 -3.54
C08 QY4 C . -0.79 -8.51 -4.29
C09 QY4 C . 1.03 -6.75 -7.08
C11 QY4 C . 3.44 -5.80 -6.66
C12 QY4 C . 4.22 -5.69 -7.97
C14 QY4 C . 3.68 -4.93 -10.46
C16 QY4 C . 3.20 -7.37 -10.99
C18 QY4 C . 4.27 -8.83 -12.79
C19 QY4 C . 4.75 -10.24 -13.16
C23 QY4 C . -1.22 -4.28 -10.39
C25 QY4 C . -0.48 -2.18 -9.51
C27 QY4 C . 3.83 -4.89 -5.70
C33 QY4 C . 2.60 -3.83 -5.49
C34 QY4 C . 1.47 -4.47 -5.89
N02 QY4 C . 0.82 -7.56 -5.87
N28 QY4 C . 5.04 -4.19 -6.11
N30 QY4 C . 7.16 -6.01 -6.22
O31 QY4 C . 6.42 -4.84 -3.97
O32 QY4 C . 7.50 -3.53 -5.47
S29 QY4 C . 6.54 -4.63 -5.41
#